data_5B8F
#
_entry.id   5B8F
#
_cell.length_a   80.560
_cell.length_b   100.210
_cell.length_c   54.810
_cell.angle_alpha   90.000
_cell.angle_beta   90.000
_cell.angle_gamma   90.000
#
_symmetry.space_group_name_H-M   'P 21 21 2'
#
loop_
_entity.id
_entity.type
_entity.pdbx_description
1 polymer '2-C-methyl-D-erythritol 2,4-cyclodiphosphate synthase'
2 non-polymer 'MAGNESIUM ION'
3 non-polymer "CYTIDINE-5'-MONOPHOSPHATE"
4 non-polymer (4S)-2-METHYL-2,4-PENTANEDIOL
5 non-polymer 'PHOSPHATE ION'
6 water water
#
_entity_poly.entity_id   1
_entity_poly.type   'polypeptide(L)'
_entity_poly.pdbx_seq_one_letter_code
;AHHHHHHMRIGHGYDVHRFGEGDFITLGGVRIPHKHGLVAHSDGDVLLHALSDALLGAAALGDIGKHFPDTDPRFKGADS
RALLRHVVAIVAEKGWKVGNVDATIVAQAPKMAPHIETMRGLIAEDLGVAVDQVNVKATTTERLGFTGREEGIAVHAVAL
LMAR
;
_entity_poly.pdbx_strand_id   A,B,C
#
loop_
_chem_comp.id
_chem_comp.type
_chem_comp.name
_chem_comp.formula
C5P non-polymer CYTIDINE-5'-MONOPHOSPHATE 'C9 H14 N3 O8 P'
MG non-polymer 'MAGNESIUM ION' 'Mg 2'
MPD non-polymer (4S)-2-METHYL-2,4-PENTANEDIOL 'C6 H14 O2'
PO4 non-polymer 'PHOSPHATE ION' 'O4 P -3'
#
# COMPACT_ATOMS: atom_id res chain seq x y z
N HIS A 6 -9.74 21.07 -9.49
CA HIS A 6 -10.55 20.20 -8.63
C HIS A 6 -9.63 19.40 -7.71
N HIS A 7 -9.57 19.77 -6.43
CA HIS A 7 -8.54 19.17 -5.62
C HIS A 7 -8.92 17.85 -4.96
N MET A 8 -7.90 17.01 -4.83
CA MET A 8 -8.07 15.67 -4.29
C MET A 8 -6.88 15.34 -3.42
N ARG A 9 -7.05 14.34 -2.56
CA ARG A 9 -6.00 13.89 -1.63
C ARG A 9 -6.00 12.40 -1.53
N ILE A 10 -4.82 11.80 -1.39
CA ILE A 10 -4.67 10.34 -1.19
C ILE A 10 -4.28 10.01 0.24
N GLY A 11 -4.75 8.86 0.72
CA GLY A 11 -4.29 8.36 2.00
C GLY A 11 -4.19 6.84 2.01
N HIS A 12 -3.42 6.30 2.95
CA HIS A 12 -3.22 4.85 3.07
C HIS A 12 -3.19 4.48 4.53
N GLY A 13 -3.92 3.44 4.89
CA GLY A 13 -3.91 2.93 6.26
C GLY A 13 -3.52 1.46 6.29
N TYR A 14 -2.70 1.10 7.28
CA TYR A 14 -2.32 -0.29 7.51
C TYR A 14 -2.48 -0.59 8.99
N ASP A 15 -3.23 -1.62 9.34
CA ASP A 15 -3.47 -1.97 10.74
CA ASP A 15 -3.34 -1.96 10.75
C ASP A 15 -3.39 -3.48 10.91
N VAL A 16 -3.01 -3.91 12.12
CA VAL A 16 -2.86 -5.32 12.47
C VAL A 16 -3.42 -5.54 13.85
N HIS A 17 -4.24 -6.58 14.05
CA HIS A 17 -4.54 -7.05 15.41
CA HIS A 17 -4.58 -7.03 15.40
C HIS A 17 -4.28 -8.53 15.53
N ARG A 18 -3.80 -8.94 16.70
CA ARG A 18 -3.60 -10.36 17.03
C ARG A 18 -4.91 -11.04 17.38
N PHE A 19 -4.98 -12.35 17.12
CA PHE A 19 -6.07 -13.15 17.65
C PHE A 19 -5.89 -13.36 19.16
N GLY A 20 -7.02 -13.46 19.85
CA GLY A 20 -7.03 -13.82 21.26
C GLY A 20 -8.30 -14.58 21.59
N GLU A 21 -8.58 -14.76 22.88
CA GLU A 21 -9.77 -15.51 23.25
C GLU A 21 -11.03 -14.74 22.84
N GLY A 22 -12.06 -15.47 22.41
CA GLY A 22 -13.31 -14.85 22.01
C GLY A 22 -14.09 -15.69 21.02
N ASP A 23 -15.34 -15.30 20.75
CA ASP A 23 -16.26 -16.11 19.94
C ASP A 23 -16.63 -15.46 18.63
N PHE A 24 -16.06 -14.29 18.35
CA PHE A 24 -16.37 -13.58 17.12
C PHE A 24 -15.33 -12.50 16.87
N ILE A 25 -15.24 -12.09 15.62
CA ILE A 25 -14.47 -10.90 15.25
C ILE A 25 -15.42 -9.89 14.67
N THR A 26 -15.02 -8.63 14.66
CA THR A 26 -15.81 -7.58 14.05
C THR A 26 -14.98 -6.95 12.93
N LEU A 27 -15.47 -7.04 11.69
CA LEU A 27 -14.79 -6.44 10.55
C LEU A 27 -15.78 -5.69 9.67
N GLY A 28 -15.46 -4.44 9.35
CA GLY A 28 -16.36 -3.64 8.53
C GLY A 28 -17.73 -3.45 9.16
N GLY A 29 -17.78 -3.50 10.49
CA GLY A 29 -19.03 -3.33 11.23
C GLY A 29 -19.82 -4.62 11.37
N VAL A 30 -19.29 -5.72 10.84
CA VAL A 30 -20.00 -7.01 10.84
C VAL A 30 -19.43 -7.98 11.86
N ARG A 31 -20.30 -8.57 12.71
CA ARG A 31 -19.85 -9.59 13.64
C ARG A 31 -19.82 -10.95 12.96
N ILE A 32 -18.64 -11.55 12.88
CA ILE A 32 -18.44 -12.84 12.24
C ILE A 32 -18.08 -13.87 13.31
N PRO A 33 -18.96 -14.85 13.55
CA PRO A 33 -18.58 -15.90 14.50
C PRO A 33 -17.25 -16.53 14.11
N HIS A 34 -16.39 -16.77 15.09
CA HIS A 34 -15.08 -17.31 14.83
C HIS A 34 -14.51 -17.98 16.08
N LYS A 35 -13.51 -18.85 15.89
CA LYS A 35 -12.88 -19.59 16.99
C LYS A 35 -12.08 -18.68 17.94
N HIS A 36 -11.73 -17.49 17.46
CA HIS A 36 -10.98 -16.52 18.25
C HIS A 36 -11.57 -15.15 18.07
N GLY A 37 -11.30 -14.25 19.01
CA GLY A 37 -11.57 -12.84 18.80
C GLY A 37 -10.31 -12.10 18.38
N LEU A 38 -10.43 -10.79 18.23
CA LEU A 38 -9.27 -9.95 17.97
C LEU A 38 -8.97 -9.11 19.21
N VAL A 39 -7.70 -9.01 19.57
CA VAL A 39 -7.28 -8.25 20.73
C VAL A 39 -7.14 -6.78 20.40
N ALA A 40 -7.79 -5.91 21.16
CA ALA A 40 -7.73 -4.48 20.88
C ALA A 40 -8.34 -3.70 22.03
N HIS A 41 -7.95 -2.43 22.17
CA HIS A 41 -8.57 -1.55 23.15
C HIS A 41 -10.02 -1.32 22.78
N SER A 42 -10.25 -1.08 21.49
CA SER A 42 -11.58 -0.90 20.92
C SER A 42 -12.23 -2.25 20.67
N ASP A 43 -13.26 -2.28 19.83
CA ASP A 43 -13.85 -3.54 19.41
C ASP A 43 -12.95 -4.37 18.47
N GLY A 44 -11.81 -3.81 18.06
CA GLY A 44 -10.86 -4.59 17.27
C GLY A 44 -11.11 -4.66 15.77
N ASP A 45 -11.93 -3.75 15.25
CA ASP A 45 -12.31 -3.80 13.84
C ASP A 45 -11.14 -3.28 12.99
N VAL A 46 -10.24 -4.18 12.61
CA VAL A 46 -9.00 -3.85 11.87
CA VAL A 46 -9.01 -3.73 11.96
C VAL A 46 -9.32 -3.12 10.57
N LEU A 47 -10.40 -3.54 9.93
CA LEU A 47 -10.80 -2.94 8.66
C LEU A 47 -11.25 -1.48 8.83
N LEU A 48 -12.11 -1.20 9.80
CA LEU A 48 -12.51 0.18 10.00
C LEU A 48 -11.34 1.03 10.53
N HIS A 49 -10.45 0.44 11.33
CA HIS A 49 -9.27 1.19 11.77
CA HIS A 49 -9.23 1.11 11.79
C HIS A 49 -8.39 1.59 10.58
N ALA A 50 -8.11 0.67 9.67
CA ALA A 50 -7.29 1.01 8.52
C ALA A 50 -7.97 2.04 7.63
N LEU A 51 -9.29 1.91 7.42
CA LEU A 51 -10.02 2.92 6.65
C LEU A 51 -9.95 4.27 7.34
N SER A 52 -10.09 4.29 8.66
CA SER A 52 -10.00 5.55 9.42
C SER A 52 -8.64 6.20 9.21
N ASP A 53 -7.58 5.40 9.27
CA ASP A 53 -6.25 5.95 9.09
C ASP A 53 -6.00 6.42 7.66
N ALA A 54 -6.60 5.76 6.67
CA ALA A 54 -6.46 6.25 5.29
C ALA A 54 -7.13 7.61 5.14
N LEU A 55 -8.30 7.80 5.76
CA LEU A 55 -9.00 9.06 5.66
CA LEU A 55 -9.01 9.09 5.70
C LEU A 55 -8.25 10.18 6.42
N LEU A 56 -7.85 9.88 7.67
CA LEU A 56 -7.06 10.87 8.44
C LEU A 56 -5.75 11.17 7.72
N GLY A 57 -5.12 10.15 7.12
CA GLY A 57 -3.86 10.36 6.44
C GLY A 57 -4.00 11.27 5.22
N ALA A 58 -5.05 11.06 4.43
CA ALA A 58 -5.32 11.92 3.29
C ALA A 58 -5.55 13.36 3.71
N ALA A 59 -6.20 13.57 4.85
CA ALA A 59 -6.54 14.93 5.33
C ALA A 59 -5.42 15.53 6.20
N ALA A 60 -4.31 14.82 6.34
CA ALA A 60 -3.19 15.23 7.21
C ALA A 60 -3.67 15.52 8.63
N LEU A 61 -4.46 14.59 9.16
CA LEU A 61 -4.94 14.68 10.55
C LEU A 61 -4.35 13.60 11.45
N GLY A 62 -3.23 13.00 11.06
CA GLY A 62 -2.53 12.05 11.91
C GLY A 62 -2.99 10.62 11.77
N ASP A 63 -3.42 10.01 12.88
CA ASP A 63 -3.96 8.65 12.82
C ASP A 63 -4.97 8.48 13.95
N ILE A 64 -5.66 7.34 13.97
CA ILE A 64 -6.78 7.21 14.87
C ILE A 64 -6.27 7.16 16.33
N GLY A 65 -5.05 6.68 16.54
CA GLY A 65 -4.45 6.63 17.88
C GLY A 65 -4.22 8.00 18.49
N LYS A 66 -4.08 9.03 17.64
CA LYS A 66 -3.94 10.41 18.11
C LYS A 66 -5.27 10.92 18.64
N HIS A 67 -6.36 10.57 17.95
CA HIS A 67 -7.68 11.08 18.29
C HIS A 67 -8.38 10.26 19.35
N PHE A 68 -8.12 8.96 19.35
CA PHE A 68 -8.74 8.02 20.30
C PHE A 68 -7.65 7.19 20.97
N PRO A 69 -6.87 7.82 21.85
CA PRO A 69 -5.73 7.14 22.49
C PRO A 69 -6.14 5.94 23.36
N ASP A 70 -5.34 4.88 23.32
CA ASP A 70 -5.69 3.70 24.08
C ASP A 70 -5.40 3.87 25.57
N THR A 71 -4.87 5.04 25.94
CA THR A 71 -4.68 5.41 27.35
C THR A 71 -5.93 6.01 27.99
N ASP A 72 -6.94 6.28 27.16
CA ASP A 72 -8.21 6.86 27.63
C ASP A 72 -9.26 5.77 27.79
N PRO A 73 -9.62 5.44 29.04
CA PRO A 73 -10.56 4.33 29.23
C PRO A 73 -11.94 4.59 28.60
N ARG A 74 -12.26 5.84 28.33
CA ARG A 74 -13.57 6.13 27.72
C ARG A 74 -13.74 5.46 26.36
N PHE A 75 -12.62 5.07 25.71
CA PHE A 75 -12.70 4.44 24.39
C PHE A 75 -12.53 2.93 24.45
N LYS A 76 -12.49 2.36 25.65
CA LYS A 76 -12.43 0.91 25.80
C LYS A 76 -13.68 0.25 25.22
N GLY A 77 -13.45 -0.74 24.36
CA GLY A 77 -14.51 -1.45 23.69
C GLY A 77 -15.27 -0.63 22.67
N ALA A 78 -14.73 0.53 22.28
CA ALA A 78 -15.48 1.43 21.41
C ALA A 78 -15.87 0.78 20.09
N ASP A 79 -17.08 1.13 19.66
CA ASP A 79 -17.58 0.74 18.36
C ASP A 79 -16.81 1.48 17.28
N SER A 80 -16.04 0.76 16.45
CA SER A 80 -15.19 1.40 15.46
C SER A 80 -16.00 2.13 14.40
N ARG A 81 -17.30 1.81 14.25
CA ARG A 81 -18.12 2.57 13.33
C ARG A 81 -18.30 3.99 13.85
N ALA A 82 -18.46 4.13 15.17
CA ALA A 82 -18.57 5.46 15.78
C ALA A 82 -17.26 6.22 15.67
N LEU A 83 -16.12 5.54 15.80
CA LEU A 83 -14.84 6.20 15.64
C LEU A 83 -14.70 6.69 14.19
N LEU A 84 -15.10 5.83 13.23
CA LEU A 84 -15.04 6.20 11.82
C LEU A 84 -15.96 7.39 11.50
N ARG A 85 -17.16 7.41 12.08
CA ARG A 85 -18.05 8.55 11.83
C ARG A 85 -17.43 9.85 12.36
N HIS A 86 -16.73 9.80 13.49
CA HIS A 86 -16.03 11.00 13.95
C HIS A 86 -14.94 11.43 12.96
N VAL A 87 -14.18 10.46 12.45
CA VAL A 87 -13.17 10.76 11.45
C VAL A 87 -13.76 11.47 10.25
N VAL A 88 -14.87 10.93 9.73
CA VAL A 88 -15.56 11.53 8.60
C VAL A 88 -15.96 12.96 8.91
N ALA A 89 -16.45 13.19 10.13
CA ALA A 89 -16.87 14.54 10.51
C ALA A 89 -15.69 15.54 10.54
N ILE A 90 -14.56 15.16 11.12
CA ILE A 90 -13.47 16.12 11.23
C ILE A 90 -12.74 16.27 9.90
N VAL A 91 -12.79 15.25 9.04
CA VAL A 91 -12.30 15.42 7.67
C VAL A 91 -13.19 16.39 6.89
N ALA A 92 -14.50 16.32 7.10
CA ALA A 92 -15.42 17.24 6.45
C ALA A 92 -15.17 18.68 6.93
N GLU A 93 -14.92 18.82 8.23
CA GLU A 93 -14.63 20.14 8.83
C GLU A 93 -13.42 20.78 8.17
N LYS A 94 -12.49 19.94 7.73
CA LYS A 94 -11.29 20.41 7.06
C LYS A 94 -11.51 20.66 5.56
N GLY A 95 -12.71 20.35 5.07
CA GLY A 95 -13.10 20.69 3.70
C GLY A 95 -13.14 19.54 2.70
N TRP A 96 -13.07 18.30 3.17
CA TRP A 96 -12.98 17.12 2.29
C TRP A 96 -14.12 16.14 2.52
N LYS A 97 -14.59 15.52 1.44
CA LYS A 97 -15.51 14.37 1.52
C LYS A 97 -14.86 13.18 0.82
N VAL A 98 -15.46 11.99 0.99
CA VAL A 98 -14.91 10.79 0.39
C VAL A 98 -15.23 10.68 -1.10
N GLY A 99 -14.19 10.47 -1.92
CA GLY A 99 -14.35 10.13 -3.32
C GLY A 99 -14.60 8.64 -3.47
N ASN A 100 -13.61 7.83 -3.11
CA ASN A 100 -13.84 6.39 -3.02
C ASN A 100 -12.82 5.78 -2.06
N VAL A 101 -13.13 4.59 -1.57
CA VAL A 101 -12.17 3.82 -0.77
C VAL A 101 -12.06 2.38 -1.31
N ASP A 102 -10.90 1.77 -1.04
CA ASP A 102 -10.66 0.38 -1.42
C ASP A 102 -9.85 -0.25 -0.30
N ALA A 103 -10.21 -1.44 0.15
CA ALA A 103 -9.52 -2.07 1.27
C ALA A 103 -9.33 -3.56 0.99
N THR A 104 -8.26 -4.10 1.55
CA THR A 104 -7.96 -5.52 1.46
C THR A 104 -7.79 -6.11 2.84
N ILE A 105 -8.65 -7.07 3.17
CA ILE A 105 -8.51 -7.87 4.39
C ILE A 105 -7.52 -9.00 4.14
N VAL A 106 -6.47 -9.05 4.94
CA VAL A 106 -5.46 -10.10 4.75
C VAL A 106 -5.63 -11.07 5.92
N ALA A 107 -6.24 -12.20 5.62
CA ALA A 107 -6.66 -13.17 6.64
C ALA A 107 -6.74 -14.57 6.06
N GLN A 108 -6.18 -15.53 6.79
CA GLN A 108 -6.23 -16.91 6.35
C GLN A 108 -7.63 -17.46 6.62
N ALA A 109 -8.28 -16.94 7.66
CA ALA A 109 -9.57 -17.43 8.17
C ALA A 109 -10.14 -16.34 9.08
N PRO A 110 -11.47 -16.26 9.23
CA PRO A 110 -12.52 -17.00 8.51
C PRO A 110 -12.67 -16.51 7.07
N LYS A 111 -13.54 -17.15 6.30
CA LYS A 111 -13.85 -16.67 4.97
C LYS A 111 -14.68 -15.40 5.05
N MET A 112 -14.20 -14.36 4.39
CA MET A 112 -14.90 -13.09 4.40
C MET A 112 -15.99 -13.01 3.34
N ALA A 113 -15.90 -13.84 2.30
CA ALA A 113 -16.77 -13.71 1.12
C ALA A 113 -18.27 -13.51 1.43
N PRO A 114 -18.86 -14.30 2.35
CA PRO A 114 -20.31 -14.14 2.58
C PRO A 114 -20.69 -12.80 3.23
N HIS A 115 -19.70 -12.03 3.67
CA HIS A 115 -19.94 -10.82 4.47
C HIS A 115 -19.55 -9.52 3.78
N ILE A 116 -18.87 -9.64 2.62
CA ILE A 116 -18.33 -8.47 1.94
C ILE A 116 -19.39 -7.41 1.63
N GLU A 117 -20.50 -7.84 1.04
CA GLU A 117 -21.51 -6.86 0.65
C GLU A 117 -22.15 -6.18 1.87
N THR A 118 -22.34 -6.94 2.96
CA THR A 118 -22.81 -6.33 4.20
C THR A 118 -21.84 -5.24 4.69
N MET A 119 -20.53 -5.55 4.69
CA MET A 119 -19.52 -4.58 5.08
C MET A 119 -19.58 -3.33 4.23
N ARG A 120 -19.70 -3.51 2.91
CA ARG A 120 -19.74 -2.35 2.02
C ARG A 120 -20.90 -1.42 2.38
N GLY A 121 -22.07 -1.98 2.68
CA GLY A 121 -23.19 -1.12 2.98
C GLY A 121 -23.00 -0.31 4.26
N LEU A 122 -22.44 -0.95 5.30
CA LEU A 122 -22.24 -0.23 6.58
C LEU A 122 -21.16 0.84 6.41
N ILE A 123 -20.08 0.48 5.75
CA ILE A 123 -19.00 1.43 5.50
C ILE A 123 -19.53 2.62 4.69
N ALA A 124 -20.29 2.37 3.62
CA ALA A 124 -20.84 3.47 2.81
C ALA A 124 -21.71 4.40 3.65
N GLU A 125 -22.53 3.82 4.53
CA GLU A 125 -23.36 4.63 5.40
C GLU A 125 -22.50 5.54 6.31
N ASP A 126 -21.47 4.97 6.94
CA ASP A 126 -20.63 5.75 7.85
C ASP A 126 -19.82 6.81 7.11
N LEU A 127 -19.48 6.55 5.85
CA LEU A 127 -18.70 7.48 5.06
C LEU A 127 -19.56 8.53 4.37
N GLY A 128 -20.89 8.34 4.40
CA GLY A 128 -21.76 9.27 3.69
C GLY A 128 -21.72 9.17 2.18
N VAL A 129 -21.41 7.98 1.65
CA VAL A 129 -21.30 7.79 0.21
C VAL A 129 -22.20 6.66 -0.28
N ALA A 130 -22.32 6.52 -1.59
CA ALA A 130 -23.02 5.39 -2.18
C ALA A 130 -22.16 4.13 -2.05
N VAL A 131 -22.81 2.97 -2.03
CA VAL A 131 -22.08 1.70 -1.94
C VAL A 131 -21.07 1.54 -3.09
N ASP A 132 -21.39 2.08 -4.26
CA ASP A 132 -20.47 1.97 -5.39
C ASP A 132 -19.15 2.77 -5.21
N GLN A 133 -19.07 3.58 -4.18
CA GLN A 133 -17.81 4.28 -3.86
C GLN A 133 -16.95 3.51 -2.85
N VAL A 134 -17.39 2.31 -2.47
CA VAL A 134 -16.71 1.49 -1.48
C VAL A 134 -16.38 0.11 -2.04
N ASN A 135 -15.11 -0.29 -1.98
CA ASN A 135 -14.72 -1.65 -2.34
C ASN A 135 -14.03 -2.33 -1.16
N VAL A 136 -14.42 -3.58 -0.90
CA VAL A 136 -13.72 -4.41 0.10
C VAL A 136 -13.39 -5.74 -0.56
N LYS A 137 -12.15 -6.18 -0.40
CA LYS A 137 -11.77 -7.50 -0.88
C LYS A 137 -10.94 -8.21 0.19
N ALA A 138 -10.80 -9.52 0.06
CA ALA A 138 -10.08 -10.29 1.04
C ALA A 138 -9.10 -11.20 0.33
N THR A 139 -7.96 -11.43 0.95
CA THR A 139 -6.99 -12.36 0.40
C THR A 139 -6.22 -13.10 1.49
N THR A 140 -5.69 -14.26 1.15
CA THR A 140 -4.79 -14.94 2.06
C THR A 140 -3.36 -14.70 1.59
N THR A 141 -2.41 -15.11 2.41
CA THR A 141 -1.00 -15.13 2.05
C THR A 141 -0.51 -16.58 1.89
N GLU A 142 -1.44 -17.48 1.59
CA GLU A 142 -1.06 -18.85 1.25
C GLU A 142 -0.30 -19.52 2.40
N ARG A 143 -0.80 -19.26 3.61
CA ARG A 143 -0.25 -19.80 4.88
C ARG A 143 1.17 -19.31 5.18
N LEU A 144 1.61 -18.24 4.50
CA LEU A 144 2.88 -17.61 4.84
C LEU A 144 2.74 -16.43 5.80
N GLY A 145 3.77 -16.22 6.62
CA GLY A 145 3.79 -15.04 7.48
C GLY A 145 2.82 -15.10 8.64
N PHE A 146 2.71 -14.00 9.38
CA PHE A 146 1.88 -14.05 10.60
C PHE A 146 0.40 -14.19 10.28
N THR A 147 -0.06 -13.67 9.13
CA THR A 147 -1.46 -13.91 8.80
C THR A 147 -1.65 -15.36 8.35
N GLY A 148 -0.67 -15.90 7.64
CA GLY A 148 -0.77 -17.27 7.17
C GLY A 148 -0.80 -18.30 8.28
N ARG A 149 -0.08 -18.01 9.36
CA ARG A 149 -0.07 -18.88 10.55
C ARG A 149 -1.28 -18.64 11.45
N GLU A 150 -2.16 -17.74 11.04
CA GLU A 150 -3.37 -17.39 11.80
C GLU A 150 -3.01 -16.79 13.17
N GLU A 151 -1.97 -15.96 13.20
CA GLU A 151 -1.60 -15.24 14.40
C GLU A 151 -2.37 -13.94 14.54
N GLY A 152 -2.83 -13.40 13.41
CA GLY A 152 -3.57 -12.15 13.39
C GLY A 152 -4.12 -11.84 12.02
N ILE A 153 -4.79 -10.69 11.92
CA ILE A 153 -5.37 -10.18 10.67
C ILE A 153 -4.77 -8.81 10.40
N ALA A 154 -4.43 -8.56 9.13
CA ALA A 154 -3.97 -7.25 8.67
C ALA A 154 -4.94 -6.66 7.66
N VAL A 155 -5.00 -5.34 7.58
CA VAL A 155 -5.78 -4.68 6.53
C VAL A 155 -4.97 -3.55 5.93
N HIS A 156 -5.00 -3.46 4.60
CA HIS A 156 -4.52 -2.30 3.85
C HIS A 156 -5.72 -1.55 3.32
N ALA A 157 -5.76 -0.24 3.49
CA ALA A 157 -6.85 0.55 2.90
C ALA A 157 -6.30 1.78 2.21
N VAL A 158 -6.94 2.19 1.12
CA VAL A 158 -6.60 3.44 0.45
C VAL A 158 -7.86 4.28 0.28
N ALA A 159 -7.68 5.60 0.32
CA ALA A 159 -8.78 6.54 0.20
C ALA A 159 -8.39 7.67 -0.71
N LEU A 160 -9.35 8.13 -1.50
CA LEU A 160 -9.21 9.35 -2.27
C LEU A 160 -10.27 10.33 -1.77
N LEU A 161 -9.84 11.49 -1.31
CA LEU A 161 -10.75 12.56 -0.88
C LEU A 161 -10.96 13.59 -1.98
N MET A 162 -12.14 14.21 -1.99
CA MET A 162 -12.47 15.29 -2.93
CA MET A 162 -12.40 15.31 -2.92
C MET A 162 -12.89 16.52 -2.13
N ALA A 163 -12.76 17.71 -2.74
CA ALA A 163 -13.20 18.93 -2.08
C ALA A 163 -14.70 18.87 -1.84
N ARG A 164 -15.11 19.30 -0.65
CA ARG A 164 -16.52 19.49 -0.34
C ARG A 164 -17.09 20.64 -1.14
N HIS B 7 -13.38 13.13 -12.79
CA HIS B 7 -13.44 12.21 -11.65
C HIS B 7 -12.37 11.13 -11.77
N MET B 8 -11.83 10.77 -10.61
CA MET B 8 -10.80 9.76 -10.50
C MET B 8 -11.11 8.80 -9.37
N ARG B 9 -10.50 7.63 -9.40
CA ARG B 9 -10.71 6.58 -8.39
C ARG B 9 -9.39 5.95 -8.04
N ILE B 10 -9.19 5.63 -6.75
CA ILE B 10 -7.98 4.95 -6.28
CA ILE B 10 -7.96 4.94 -6.28
C ILE B 10 -8.23 3.46 -6.02
N GLY B 11 -7.24 2.61 -6.29
CA GLY B 11 -7.32 1.21 -5.92
C GLY B 11 -5.98 0.67 -5.47
N HIS B 12 -6.00 -0.40 -4.68
CA HIS B 12 -4.78 -1.04 -4.20
C HIS B 12 -4.92 -2.55 -4.23
N GLY B 13 -3.90 -3.24 -4.74
CA GLY B 13 -3.88 -4.69 -4.73
C GLY B 13 -2.66 -5.25 -4.05
N TYR B 14 -2.86 -6.32 -3.29
CA TYR B 14 -1.76 -6.99 -2.62
C TYR B 14 -1.95 -8.47 -2.86
N ASP B 15 -0.93 -9.15 -3.40
CA ASP B 15 -1.04 -10.59 -3.64
C ASP B 15 0.26 -11.27 -3.22
N VAL B 16 0.15 -12.56 -2.86
CA VAL B 16 1.27 -13.36 -2.39
C VAL B 16 1.13 -14.74 -2.96
N HIS B 17 2.21 -15.32 -3.48
CA HIS B 17 2.23 -16.75 -3.78
CA HIS B 17 2.25 -16.74 -3.84
C HIS B 17 3.46 -17.39 -3.18
N ARG B 18 3.31 -18.63 -2.73
CA ARG B 18 4.44 -19.37 -2.16
C ARG B 18 5.23 -20.07 -3.26
N PHE B 19 6.52 -20.27 -3.03
CA PHE B 19 7.33 -21.05 -3.97
C PHE B 19 7.00 -22.53 -3.89
N GLY B 20 7.11 -23.19 -5.04
CA GLY B 20 6.99 -24.63 -5.13
C GLY B 20 8.08 -25.17 -6.02
N GLU B 21 8.07 -26.48 -6.25
CA GLU B 21 9.10 -27.04 -7.10
C GLU B 21 8.81 -26.54 -8.55
N GLY B 22 9.87 -26.20 -9.29
CA GLY B 22 9.73 -25.67 -10.65
C GLY B 22 11.01 -24.99 -11.13
N ASP B 23 11.11 -24.57 -12.39
CA ASP B 23 12.35 -23.92 -12.84
C ASP B 23 12.16 -22.55 -13.51
N PHE B 24 10.99 -21.95 -13.32
CA PHE B 24 10.79 -20.57 -13.74
C PHE B 24 9.59 -20.00 -13.00
N ILE B 25 9.53 -18.66 -12.91
CA ILE B 25 8.32 -17.98 -12.48
C ILE B 25 7.87 -17.06 -13.61
N THR B 26 6.62 -16.61 -13.54
CA THR B 26 6.09 -15.66 -14.52
C THR B 26 5.69 -14.40 -13.78
N LEU B 27 6.29 -13.26 -14.13
CA LEU B 27 5.95 -12.00 -13.46
C LEU B 27 5.84 -10.89 -14.46
N GLY B 28 4.76 -10.11 -14.40
CA GLY B 28 4.56 -9.05 -15.39
C GLY B 28 4.55 -9.57 -16.82
N GLY B 29 4.10 -10.81 -17.00
CA GLY B 29 4.09 -11.43 -18.32
C GLY B 29 5.38 -12.04 -18.82
N VAL B 30 6.43 -11.99 -17.98
CA VAL B 30 7.77 -12.41 -18.38
C VAL B 30 8.19 -13.70 -17.66
N ARG B 31 8.70 -14.66 -18.43
CA ARG B 31 9.22 -15.90 -17.87
CA ARG B 31 9.23 -15.90 -17.88
C ARG B 31 10.63 -15.67 -17.35
N ILE B 32 10.81 -15.84 -16.03
CA ILE B 32 12.10 -15.64 -15.39
C ILE B 32 12.62 -16.97 -14.83
N PRO B 33 13.77 -17.44 -15.33
CA PRO B 33 14.36 -18.67 -14.79
C PRO B 33 14.59 -18.55 -13.29
N HIS B 34 14.31 -19.62 -12.56
CA HIS B 34 14.51 -19.62 -11.11
C HIS B 34 14.60 -21.05 -10.60
N LYS B 35 15.18 -21.22 -9.42
CA LYS B 35 15.33 -22.54 -8.81
C LYS B 35 14.00 -23.12 -8.32
N HIS B 36 12.98 -22.27 -8.23
CA HIS B 36 11.62 -22.68 -7.84
C HIS B 36 10.59 -22.05 -8.77
N GLY B 37 9.41 -22.66 -8.83
CA GLY B 37 8.25 -22.04 -9.44
C GLY B 37 7.39 -21.39 -8.36
N LEU B 38 6.27 -20.78 -8.76
CA LEU B 38 5.28 -20.28 -7.80
C LEU B 38 4.03 -21.17 -7.83
N VAL B 39 3.50 -21.45 -6.64
CA VAL B 39 2.30 -22.27 -6.52
C VAL B 39 1.05 -21.41 -6.75
N ALA B 40 0.21 -21.83 -7.69
CA ALA B 40 -0.97 -21.05 -8.04
C ALA B 40 -1.91 -21.83 -8.93
N HIS B 41 -3.19 -21.47 -8.88
CA HIS B 41 -4.18 -22.06 -9.77
C HIS B 41 -3.91 -21.61 -11.19
N SER B 42 -3.68 -20.31 -11.35
CA SER B 42 -3.30 -19.68 -12.62
C SER B 42 -1.81 -19.91 -12.90
N ASP B 43 -1.24 -19.11 -13.81
CA ASP B 43 0.20 -19.16 -14.05
C ASP B 43 1.02 -18.54 -12.90
N GLY B 44 0.36 -17.99 -11.88
CA GLY B 44 1.08 -17.55 -10.70
C GLY B 44 1.70 -16.16 -10.77
N ASP B 45 1.26 -15.34 -11.72
CA ASP B 45 1.83 -14.03 -11.93
C ASP B 45 1.32 -13.06 -10.86
N VAL B 46 2.04 -13.00 -9.75
CA VAL B 46 1.56 -12.24 -8.61
CA VAL B 46 1.69 -12.20 -8.58
C VAL B 46 1.52 -10.74 -8.96
N LEU B 47 2.39 -10.28 -9.85
CA LEU B 47 2.35 -8.86 -10.27
C LEU B 47 1.09 -8.54 -11.06
N LEU B 48 0.74 -9.36 -12.05
CA LEU B 48 -0.49 -9.08 -12.77
C LEU B 48 -1.74 -9.26 -11.90
N HIS B 49 -1.69 -10.20 -10.96
CA HIS B 49 -2.82 -10.37 -10.05
CA HIS B 49 -2.79 -10.43 -10.02
C HIS B 49 -3.02 -9.16 -9.19
N ALA B 50 -1.94 -8.62 -8.61
CA ALA B 50 -2.06 -7.43 -7.78
C ALA B 50 -2.57 -6.23 -8.60
N LEU B 51 -2.06 -6.08 -9.82
CA LEU B 51 -2.52 -4.99 -10.68
C LEU B 51 -4.00 -5.17 -10.99
N SER B 52 -4.42 -6.39 -11.29
CA SER B 52 -5.83 -6.67 -11.55
C SER B 52 -6.68 -6.25 -10.35
N ASP B 53 -6.24 -6.59 -9.13
CA ASP B 53 -7.03 -6.25 -7.96
C ASP B 53 -7.03 -4.73 -7.69
N ALA B 54 -5.96 -4.02 -8.04
CA ALA B 54 -5.98 -2.58 -7.88
C ALA B 54 -7.02 -1.94 -8.83
N LEU B 55 -7.07 -2.41 -10.08
CA LEU B 55 -8.06 -1.92 -11.05
C LEU B 55 -9.48 -2.22 -10.59
N LEU B 56 -9.73 -3.49 -10.27
CA LEU B 56 -11.07 -3.87 -9.79
C LEU B 56 -11.44 -3.14 -8.51
N GLY B 57 -10.46 -2.94 -7.62
CA GLY B 57 -10.74 -2.26 -6.37
C GLY B 57 -11.15 -0.81 -6.61
N ALA B 58 -10.40 -0.13 -7.49
CA ALA B 58 -10.72 1.26 -7.80
C ALA B 58 -12.13 1.39 -8.39
N ALA B 59 -12.52 0.39 -9.18
CA ALA B 59 -13.82 0.42 -9.88
C ALA B 59 -14.96 -0.16 -9.05
N ALA B 60 -14.69 -0.59 -7.81
CA ALA B 60 -15.66 -1.28 -6.93
C ALA B 60 -16.27 -2.49 -7.64
N LEU B 61 -15.40 -3.30 -8.25
CA LEU B 61 -15.80 -4.55 -8.90
C LEU B 61 -15.29 -5.79 -8.14
N GLY B 62 -14.88 -5.61 -6.88
CA GLY B 62 -14.52 -6.76 -6.06
C GLY B 62 -13.06 -7.12 -6.11
N ASP B 63 -12.76 -8.34 -6.58
CA ASP B 63 -11.38 -8.78 -6.76
C ASP B 63 -11.37 -9.84 -7.87
N ILE B 64 -10.19 -10.27 -8.30
CA ILE B 64 -10.09 -11.07 -9.49
C ILE B 64 -10.75 -12.44 -9.27
N GLY B 65 -10.75 -12.94 -8.02
CA GLY B 65 -11.39 -14.22 -7.72
C GLY B 65 -12.89 -14.22 -7.91
N LYS B 66 -13.51 -13.05 -7.80
CA LYS B 66 -14.93 -12.91 -8.08
C LYS B 66 -15.19 -13.21 -9.56
N HIS B 67 -14.24 -12.83 -10.40
CA HIS B 67 -14.45 -12.93 -11.84
C HIS B 67 -13.84 -14.18 -12.44
N PHE B 68 -12.78 -14.66 -11.82
CA PHE B 68 -12.09 -15.88 -12.27
C PHE B 68 -11.88 -16.83 -11.07
N PRO B 69 -12.95 -17.52 -10.64
CA PRO B 69 -12.86 -18.32 -9.41
C PRO B 69 -11.85 -19.47 -9.53
N ASP B 70 -11.07 -19.69 -8.48
CA ASP B 70 -10.11 -20.80 -8.46
C ASP B 70 -10.78 -22.16 -8.48
N THR B 71 -12.10 -22.18 -8.27
CA THR B 71 -12.87 -23.43 -8.35
C THR B 71 -13.23 -23.83 -9.77
N ASP B 72 -12.96 -22.95 -10.72
CA ASP B 72 -13.26 -23.23 -12.13
C ASP B 72 -12.02 -23.77 -12.84
N PRO B 73 -12.03 -25.06 -13.21
CA PRO B 73 -10.85 -25.68 -13.85
C PRO B 73 -10.47 -25.01 -15.16
N ARG B 74 -11.39 -24.28 -15.78
CA ARG B 74 -11.06 -23.61 -17.04
C ARG B 74 -9.98 -22.56 -16.88
N PHE B 75 -9.74 -22.06 -15.67
CA PHE B 75 -8.71 -21.04 -15.48
C PHE B 75 -7.43 -21.63 -14.88
N LYS B 76 -7.37 -22.94 -14.77
CA LYS B 76 -6.15 -23.58 -14.30
C LYS B 76 -5.00 -23.32 -15.29
N GLY B 77 -3.91 -22.74 -14.78
CA GLY B 77 -2.78 -22.39 -15.61
C GLY B 77 -2.98 -21.16 -16.50
N ALA B 78 -4.06 -20.42 -16.26
CA ALA B 78 -4.40 -19.32 -17.16
C ALA B 78 -3.30 -18.26 -17.22
N ASP B 79 -3.12 -17.73 -18.42
CA ASP B 79 -2.25 -16.57 -18.66
C ASP B 79 -2.82 -15.35 -17.96
N SER B 80 -2.09 -14.83 -16.97
CA SER B 80 -2.63 -13.72 -16.21
C SER B 80 -2.76 -12.44 -17.03
N ARG B 81 -2.07 -12.35 -18.17
CA ARG B 81 -2.29 -11.22 -19.08
C ARG B 81 -3.68 -11.25 -19.69
N ALA B 82 -4.17 -12.44 -20.01
CA ALA B 82 -5.50 -12.55 -20.59
C ALA B 82 -6.53 -12.22 -19.51
N LEU B 83 -6.28 -12.63 -18.26
CA LEU B 83 -7.18 -12.27 -17.16
C LEU B 83 -7.20 -10.75 -16.99
N LEU B 84 -6.01 -10.12 -17.01
CA LEU B 84 -5.91 -8.69 -16.88
C LEU B 84 -6.65 -7.95 -18.00
N ARG B 85 -6.51 -8.42 -19.24
CA ARG B 85 -7.22 -7.79 -20.35
C ARG B 85 -8.73 -7.84 -20.13
N HIS B 86 -9.26 -8.92 -19.57
CA HIS B 86 -10.69 -8.95 -19.24
C HIS B 86 -11.05 -7.92 -18.15
N VAL B 87 -10.22 -7.83 -17.13
CA VAL B 87 -10.43 -6.84 -16.07
C VAL B 87 -10.48 -5.42 -16.68
N VAL B 88 -9.54 -5.12 -17.55
CA VAL B 88 -9.52 -3.81 -18.19
C VAL B 88 -10.83 -3.57 -18.94
N ALA B 89 -11.34 -4.60 -19.62
CA ALA B 89 -12.57 -4.43 -20.38
C ALA B 89 -13.78 -4.17 -19.46
N ILE B 90 -13.90 -4.92 -18.38
CA ILE B 90 -15.08 -4.70 -17.54
C ILE B 90 -14.98 -3.41 -16.72
N VAL B 91 -13.77 -2.98 -16.39
CA VAL B 91 -13.58 -1.65 -15.78
C VAL B 91 -13.98 -0.54 -16.76
N ALA B 92 -13.62 -0.71 -18.04
CA ALA B 92 -14.04 0.24 -19.05
C ALA B 92 -15.57 0.27 -19.22
N GLU B 93 -16.20 -0.91 -19.15
CA GLU B 93 -17.66 -0.97 -19.32
C GLU B 93 -18.34 -0.19 -18.21
N LYS B 94 -17.70 -0.13 -17.04
CA LYS B 94 -18.25 0.62 -15.93
C LYS B 94 -17.96 2.13 -16.06
N GLY B 95 -17.14 2.50 -17.04
CA GLY B 95 -16.87 3.91 -17.30
C GLY B 95 -15.50 4.43 -16.90
N TRP B 96 -14.53 3.55 -16.63
CA TRP B 96 -13.21 3.95 -16.14
C TRP B 96 -12.09 3.45 -17.04
N LYS B 97 -11.06 4.28 -17.23
CA LYS B 97 -9.84 3.88 -17.93
C LYS B 97 -8.66 4.12 -16.99
N VAL B 98 -7.50 3.57 -17.32
CA VAL B 98 -6.33 3.67 -16.43
C VAL B 98 -5.67 5.04 -16.59
N GLY B 99 -5.46 5.74 -15.48
CA GLY B 99 -4.62 6.92 -15.48
C GLY B 99 -3.14 6.56 -15.34
N ASN B 100 -2.78 5.90 -14.24
CA ASN B 100 -1.43 5.35 -14.13
C ASN B 100 -1.44 4.24 -13.08
N VAL B 101 -0.42 3.39 -13.13
CA VAL B 101 -0.22 2.36 -12.11
C VAL B 101 1.21 2.37 -11.62
N ASP B 102 1.40 1.95 -10.37
CA ASP B 102 2.73 1.81 -9.79
C ASP B 102 2.72 0.52 -8.98
N ALA B 103 3.71 -0.35 -9.20
CA ALA B 103 3.74 -1.64 -8.52
C ALA B 103 5.12 -1.93 -7.95
N THR B 104 5.17 -2.68 -6.86
CA THR B 104 6.43 -3.06 -6.22
C THR B 104 6.46 -4.56 -6.06
N ILE B 105 7.44 -5.21 -6.70
CA ILE B 105 7.69 -6.62 -6.49
C ILE B 105 8.54 -6.77 -5.22
N VAL B 106 8.08 -7.55 -4.24
CA VAL B 106 8.82 -7.78 -3.01
C VAL B 106 9.34 -9.22 -3.05
N ALA B 107 10.63 -9.34 -3.33
CA ALA B 107 11.24 -10.64 -3.58
C ALA B 107 12.72 -10.59 -3.27
N GLN B 108 13.22 -11.61 -2.57
CA GLN B 108 14.62 -11.71 -2.27
C GLN B 108 15.40 -12.18 -3.51
N ALA B 109 14.70 -12.91 -4.38
CA ALA B 109 15.24 -13.61 -5.54
C ALA B 109 14.05 -14.13 -6.36
N PRO B 110 14.21 -14.28 -7.68
CA PRO B 110 15.37 -13.97 -8.51
C PRO B 110 15.56 -12.46 -8.70
N LYS B 111 16.63 -12.08 -9.38
CA LYS B 111 16.88 -10.69 -9.71
C LYS B 111 15.87 -10.20 -10.76
N MET B 112 15.16 -9.13 -10.44
CA MET B 112 14.10 -8.65 -11.30
C MET B 112 14.58 -7.59 -12.30
N ALA B 113 15.66 -6.89 -11.95
CA ALA B 113 16.08 -5.72 -12.73
C ALA B 113 16.16 -5.93 -14.25
N PRO B 114 16.73 -7.07 -14.71
CA PRO B 114 16.87 -7.21 -16.17
C PRO B 114 15.55 -7.36 -16.92
N HIS B 115 14.45 -7.57 -16.20
CA HIS B 115 13.17 -7.91 -16.80
C HIS B 115 12.14 -6.80 -16.72
N ILE B 116 12.42 -5.78 -15.92
CA ILE B 116 11.41 -4.75 -15.61
C ILE B 116 10.92 -3.98 -16.84
N GLU B 117 11.82 -3.56 -17.73
CA GLU B 117 11.36 -2.79 -18.89
C GLU B 117 10.48 -3.64 -19.82
N THR B 118 10.79 -4.93 -19.94
CA THR B 118 9.94 -5.83 -20.71
C THR B 118 8.56 -5.94 -20.06
N MET B 119 8.51 -6.09 -18.72
CA MET B 119 7.22 -6.13 -18.02
C MET B 119 6.40 -4.87 -18.31
N ARG B 120 7.05 -3.71 -18.24
CA ARG B 120 6.31 -2.45 -18.38
C ARG B 120 5.63 -2.39 -19.74
N GLY B 121 6.34 -2.84 -20.78
CA GLY B 121 5.78 -2.85 -22.11
C GLY B 121 4.56 -3.73 -22.26
N LEU B 122 4.63 -4.95 -21.70
CA LEU B 122 3.49 -5.87 -21.77
C LEU B 122 2.31 -5.35 -20.97
N ILE B 123 2.58 -4.86 -19.76
CA ILE B 123 1.53 -4.32 -18.91
C ILE B 123 0.83 -3.13 -19.59
N ALA B 124 1.62 -2.22 -20.16
CA ALA B 124 1.06 -1.02 -20.77
C ALA B 124 0.12 -1.42 -21.92
N GLU B 125 0.55 -2.39 -22.73
CA GLU B 125 -0.29 -2.88 -23.81
CA GLU B 125 -0.27 -2.91 -23.82
C GLU B 125 -1.61 -3.45 -23.28
N ASP B 126 -1.54 -4.28 -22.24
CA ASP B 126 -2.75 -4.89 -21.71
C ASP B 126 -3.69 -3.87 -21.08
N LEU B 127 -3.12 -2.81 -20.51
CA LEU B 127 -3.91 -1.76 -19.87
C LEU B 127 -4.42 -0.74 -20.85
N GLY B 128 -3.96 -0.81 -22.10
CA GLY B 128 -4.35 0.21 -23.08
C GLY B 128 -3.78 1.59 -22.85
N VAL B 129 -2.58 1.66 -22.26
CA VAL B 129 -1.95 2.94 -21.96
C VAL B 129 -0.53 2.99 -22.52
N ALA B 130 0.08 4.16 -22.43
CA ALA B 130 1.49 4.30 -22.78
C ALA B 130 2.40 3.72 -21.71
N VAL B 131 3.61 3.37 -22.10
CA VAL B 131 4.58 2.87 -21.12
C VAL B 131 4.83 3.92 -20.01
N ASP B 132 4.77 5.21 -20.34
CA ASP B 132 4.99 6.25 -19.34
CA ASP B 132 5.04 6.19 -19.29
C ASP B 132 3.89 6.36 -18.29
N GLN B 133 2.83 5.57 -18.44
CA GLN B 133 1.76 5.47 -17.42
C GLN B 133 1.90 4.25 -16.51
N VAL B 134 2.99 3.49 -16.67
CA VAL B 134 3.21 2.23 -15.94
C VAL B 134 4.57 2.26 -15.24
N ASN B 135 4.57 2.06 -13.91
CA ASN B 135 5.83 1.93 -13.17
C ASN B 135 5.88 0.59 -12.48
N VAL B 136 7.02 -0.09 -12.60
CA VAL B 136 7.28 -1.33 -11.87
C VAL B 136 8.66 -1.20 -11.23
N LYS B 137 8.74 -1.52 -9.95
CA LYS B 137 10.03 -1.54 -9.26
C LYS B 137 10.10 -2.79 -8.38
N ALA B 138 11.31 -3.20 -8.03
CA ALA B 138 11.53 -4.39 -7.21
C ALA B 138 12.37 -4.07 -6.01
N THR B 139 12.05 -4.71 -4.89
CA THR B 139 12.84 -4.52 -3.69
C THR B 139 12.87 -5.79 -2.85
N THR B 140 13.84 -5.88 -1.95
CA THR B 140 13.87 -6.98 -0.99
C THR B 140 13.41 -6.48 0.38
N THR B 141 13.22 -7.41 1.32
CA THR B 141 13.02 -7.07 2.72
C THR B 141 14.27 -7.38 3.54
N GLU B 142 15.44 -7.35 2.88
CA GLU B 142 16.71 -7.52 3.59
C GLU B 142 16.74 -8.81 4.38
N ARG B 143 16.23 -9.87 3.76
CA ARG B 143 16.18 -11.24 4.33
C ARG B 143 15.27 -11.36 5.57
N LEU B 144 14.35 -10.41 5.73
CA LEU B 144 13.38 -10.47 6.84
C LEU B 144 12.02 -10.97 6.34
N GLY B 145 11.30 -11.69 7.21
CA GLY B 145 9.95 -12.10 6.88
C GLY B 145 9.88 -13.24 5.88
N PHE B 146 8.68 -13.60 5.47
CA PHE B 146 8.53 -14.78 4.62
C PHE B 146 9.15 -14.50 3.24
N THR B 147 9.13 -13.25 2.75
CA THR B 147 9.84 -13.02 1.49
C THR B 147 11.36 -13.09 1.69
N GLY B 148 11.84 -12.57 2.83
CA GLY B 148 13.27 -12.60 3.10
C GLY B 148 13.81 -14.02 3.28
N ARG B 149 12.99 -14.93 3.81
CA ARG B 149 13.36 -16.35 3.93
C ARG B 149 13.15 -17.13 2.62
N GLU B 150 12.78 -16.42 1.55
CA GLU B 150 12.60 -17.04 0.24
CA GLU B 150 12.59 -17.03 0.24
C GLU B 150 11.50 -18.10 0.25
N GLU B 151 10.42 -17.83 0.98
CA GLU B 151 9.26 -18.72 1.06
C GLU B 151 8.21 -18.36 0.01
N GLY B 152 8.23 -17.11 -0.45
CA GLY B 152 7.28 -16.63 -1.45
C GLY B 152 7.62 -15.24 -1.93
N ILE B 153 6.76 -14.71 -2.81
CA ILE B 153 6.90 -13.37 -3.40
C ILE B 153 5.60 -12.63 -3.15
N ALA B 154 5.70 -11.35 -2.80
CA ALA B 154 4.54 -10.49 -2.63
C ALA B 154 4.60 -9.35 -3.64
N VAL B 155 3.43 -8.82 -4.00
CA VAL B 155 3.39 -7.58 -4.78
C VAL B 155 2.37 -6.63 -4.21
N HIS B 156 2.76 -5.34 -4.11
CA HIS B 156 1.82 -4.23 -3.90
C HIS B 156 1.64 -3.44 -5.17
N ALA B 157 0.40 -3.15 -5.55
CA ALA B 157 0.14 -2.29 -6.69
C ALA B 157 -0.89 -1.24 -6.35
N VAL B 158 -0.71 -0.03 -6.87
CA VAL B 158 -1.73 1.01 -6.76
C VAL B 158 -2.12 1.48 -8.15
N ALA B 159 -3.37 1.91 -8.28
CA ALA B 159 -3.88 2.37 -9.57
C ALA B 159 -4.72 3.62 -9.36
N LEU B 160 -4.63 4.54 -10.32
CA LEU B 160 -5.54 5.68 -10.41
C LEU B 160 -6.30 5.55 -11.71
N LEU B 161 -7.61 5.48 -11.63
CA LEU B 161 -8.49 5.42 -12.81
C LEU B 161 -9.05 6.80 -13.09
N MET B 162 -9.35 7.06 -14.36
CA MET B 162 -9.96 8.30 -14.80
C MET B 162 -11.31 8.00 -15.46
N ALA B 163 -12.28 8.90 -15.35
CA ALA B 163 -13.57 8.72 -15.99
C ALA B 163 -13.39 8.74 -17.50
N ARG B 164 -14.12 7.86 -18.18
CA ARG B 164 -14.11 7.86 -19.63
C ARG B 164 -15.10 8.88 -20.16
N ALA C 1 -4.09 23.05 -29.39
CA ALA C 1 -5.34 22.89 -28.66
C ALA C 1 -5.53 21.44 -28.27
N HIS C 2 -6.54 21.20 -27.44
CA HIS C 2 -6.91 19.85 -26.98
C HIS C 2 -5.73 19.13 -26.35
N HIS C 3 -5.08 19.78 -25.40
CA HIS C 3 -4.00 19.16 -24.65
C HIS C 3 -4.53 18.69 -23.29
N HIS C 4 -3.78 17.79 -22.64
CA HIS C 4 -4.14 17.30 -21.31
C HIS C 4 -3.89 18.36 -20.24
N HIS C 5 -4.80 18.46 -19.27
CA HIS C 5 -4.64 19.42 -18.17
C HIS C 5 -5.17 18.84 -16.85
N HIS C 6 -4.60 19.31 -15.74
CA HIS C 6 -5.04 18.92 -14.39
C HIS C 6 -4.90 17.41 -14.17
N HIS C 7 -3.91 16.81 -14.82
CA HIS C 7 -3.65 15.40 -14.64
C HIS C 7 -3.08 15.18 -13.23
N MET C 8 -3.32 13.99 -12.69
CA MET C 8 -2.78 13.58 -11.40
C MET C 8 -2.24 12.18 -11.51
N ARG C 9 -1.31 11.84 -10.62
CA ARG C 9 -0.65 10.53 -10.65
C ARG C 9 -0.49 9.98 -9.24
N ILE C 10 -0.67 8.67 -9.09
CA ILE C 10 -0.46 7.98 -7.82
CA ILE C 10 -0.48 7.93 -7.85
C ILE C 10 0.85 7.19 -7.80
N GLY C 11 1.50 7.16 -6.62
CA GLY C 11 2.68 6.34 -6.43
C GLY C 11 2.69 5.71 -5.04
N HIS C 12 3.41 4.60 -4.90
CA HIS C 12 3.51 3.90 -3.61
C HIS C 12 4.94 3.39 -3.42
N GLY C 13 5.48 3.64 -2.24
CA GLY C 13 6.80 3.14 -1.88
C GLY C 13 6.71 2.26 -0.66
N TYR C 14 7.45 1.15 -0.67
CA TYR C 14 7.58 0.26 0.47
C TYR C 14 9.06 -0.02 0.69
N ASP C 15 9.61 0.38 1.86
CA ASP C 15 11.02 0.12 2.13
C ASP C 15 11.19 -0.54 3.50
N VAL C 16 12.27 -1.31 3.61
CA VAL C 16 12.59 -2.08 4.82
C VAL C 16 14.09 -1.95 5.08
N HIS C 17 14.45 -1.69 6.34
CA HIS C 17 15.85 -1.88 6.74
C HIS C 17 15.88 -2.74 8.00
N ARG C 18 16.90 -3.58 8.11
CA ARG C 18 17.07 -4.39 9.31
C ARG C 18 17.87 -3.63 10.37
N PHE C 19 17.63 -3.92 11.65
CA PHE C 19 18.44 -3.30 12.70
C PHE C 19 19.86 -3.83 12.69
N GLY C 20 20.79 -2.96 13.08
CA GLY C 20 22.18 -3.31 13.27
C GLY C 20 22.75 -2.48 14.40
N GLU C 21 24.07 -2.39 14.49
CA GLU C 21 24.63 -1.64 15.60
C GLU C 21 24.45 -0.13 15.40
N GLY C 22 24.28 0.57 16.51
CA GLY C 22 24.21 2.01 16.47
C GLY C 22 23.47 2.56 17.69
N ASP C 23 23.49 3.87 17.86
CA ASP C 23 22.87 4.53 19.03
C ASP C 23 21.66 5.37 18.65
N PHE C 24 21.30 5.32 17.37
CA PHE C 24 20.13 6.07 16.90
C PHE C 24 19.72 5.53 15.55
N ILE C 25 18.48 5.82 15.20
CA ILE C 25 17.97 5.65 13.84
C ILE C 25 17.63 7.04 13.30
N THR C 26 17.52 7.16 11.98
CA THR C 26 17.09 8.39 11.35
C THR C 26 15.84 8.10 10.52
N LEU C 27 14.75 8.78 10.83
CA LEU C 27 13.51 8.66 10.07
C LEU C 27 12.93 10.02 9.79
N GLY C 28 12.55 10.28 8.54
CA GLY C 28 11.98 11.58 8.20
C GLY C 28 12.94 12.73 8.49
N GLY C 29 14.26 12.45 8.46
CA GLY C 29 15.26 13.47 8.70
C GLY C 29 15.55 13.70 10.18
N VAL C 30 14.90 12.93 11.05
CA VAL C 30 15.02 13.12 12.50
C VAL C 30 15.83 12.00 13.14
N ARG C 31 16.86 12.35 13.92
CA ARG C 31 17.60 11.33 14.67
C ARG C 31 16.86 10.96 15.93
N ILE C 32 16.55 9.68 16.07
CA ILE C 32 15.80 9.15 17.22
C ILE C 32 16.72 8.23 18.00
N PRO C 33 17.04 8.57 19.27
CA PRO C 33 17.86 7.64 20.04
C PRO C 33 17.27 6.24 20.13
N HIS C 34 18.11 5.23 19.95
CA HIS C 34 17.68 3.85 20.01
C HIS C 34 18.92 2.97 20.20
N LYS C 35 18.77 1.83 20.83
CA LYS C 35 19.95 1.02 21.08
C LYS C 35 20.47 0.26 19.86
N HIS C 36 19.77 0.38 18.72
CA HIS C 36 20.23 -0.12 17.43
C HIS C 36 20.14 0.97 16.38
N GLY C 37 21.00 0.89 15.35
CA GLY C 37 20.82 1.67 14.15
C GLY C 37 20.11 0.84 13.10
N LEU C 38 19.99 1.36 11.89
CA LEU C 38 19.46 0.56 10.78
C LEU C 38 20.59 0.31 9.79
N VAL C 39 20.71 -0.93 9.31
CA VAL C 39 21.76 -1.32 8.37
C VAL C 39 21.50 -0.65 7.01
N ALA C 40 22.48 0.09 6.50
CA ALA C 40 22.31 0.80 5.22
C ALA C 40 23.63 1.37 4.75
N HIS C 41 23.73 1.68 3.45
CA HIS C 41 24.91 2.33 2.89
C HIS C 41 25.09 3.76 3.44
N SER C 42 24.00 4.46 3.71
CA SER C 42 24.08 5.80 4.28
CA SER C 42 24.06 5.80 4.28
C SER C 42 23.30 5.86 5.61
N ASP C 43 22.41 6.84 5.75
CA ASP C 43 21.73 7.03 7.04
C ASP C 43 20.55 6.08 7.32
N GLY C 44 20.15 5.24 6.37
CA GLY C 44 19.10 4.27 6.64
C GLY C 44 17.71 4.85 6.84
N ASP C 45 17.44 5.99 6.22
CA ASP C 45 16.17 6.69 6.49
C ASP C 45 15.05 6.04 5.67
N VAL C 46 14.45 5.00 6.25
CA VAL C 46 13.45 4.18 5.57
C VAL C 46 12.26 5.03 5.09
N LEU C 47 11.90 6.01 5.92
CA LEU C 47 10.75 6.88 5.61
C LEU C 47 11.03 7.74 4.38
N LEU C 48 12.19 8.41 4.34
CA LEU C 48 12.48 9.24 3.17
C LEU C 48 12.68 8.36 1.92
N HIS C 49 13.23 7.14 2.07
CA HIS C 49 13.38 6.28 0.90
C HIS C 49 12.03 5.88 0.34
N ALA C 50 11.13 5.46 1.22
CA ALA C 50 9.79 5.08 0.74
C ALA C 50 9.07 6.26 0.08
N LEU C 51 9.17 7.45 0.67
CA LEU C 51 8.59 8.63 0.04
C LEU C 51 9.24 8.90 -1.33
N SER C 52 10.56 8.78 -1.40
CA SER C 52 11.27 8.99 -2.67
C SER C 52 10.78 8.04 -3.75
N ASP C 53 10.63 6.77 -3.40
CA ASP C 53 10.15 5.80 -4.38
C ASP C 53 8.68 6.01 -4.73
N ALA C 54 7.86 6.54 -3.81
CA ALA C 54 6.48 6.87 -4.15
C ALA C 54 6.45 8.00 -5.19
N LEU C 55 7.30 9.02 -5.02
CA LEU C 55 7.34 10.14 -5.97
CA LEU C 55 7.32 10.12 -5.97
C LEU C 55 7.81 9.64 -7.34
N LEU C 56 8.93 8.89 -7.36
CA LEU C 56 9.45 8.37 -8.61
C LEU C 56 8.46 7.42 -9.27
N GLY C 57 7.81 6.58 -8.44
CA GLY C 57 6.84 5.65 -8.97
C GLY C 57 5.65 6.33 -9.63
N ALA C 58 5.12 7.38 -8.99
CA ALA C 58 4.02 8.15 -9.55
C ALA C 58 4.39 8.74 -10.91
N ALA C 59 5.64 9.16 -11.04
CA ALA C 59 6.14 9.79 -12.28
C ALA C 59 6.61 8.78 -13.35
N ALA C 60 6.50 7.49 -13.04
CA ALA C 60 7.02 6.40 -13.86
C ALA C 60 8.50 6.58 -14.18
N LEU C 61 9.26 6.90 -13.13
CA LEU C 61 10.71 7.13 -13.22
C LEU C 61 11.50 6.00 -12.54
N GLY C 62 10.85 4.91 -12.20
CA GLY C 62 11.53 3.72 -11.68
C GLY C 62 11.62 3.69 -10.17
N ASP C 63 12.84 3.86 -9.65
CA ASP C 63 13.09 3.91 -8.21
C ASP C 63 14.41 4.63 -7.96
N ILE C 64 14.79 4.82 -6.68
CA ILE C 64 15.99 5.59 -6.37
C ILE C 64 17.25 5.07 -7.06
N GLY C 65 17.37 3.74 -7.11
CA GLY C 65 18.55 3.11 -7.66
C GLY C 65 18.80 3.46 -9.12
N LYS C 66 17.72 3.71 -9.86
CA LYS C 66 17.83 4.05 -11.27
C LYS C 66 18.49 5.41 -11.43
N HIS C 67 18.32 6.29 -10.44
CA HIS C 67 18.83 7.65 -10.56
C HIS C 67 20.05 7.92 -9.70
N PHE C 68 20.22 7.11 -8.66
CA PHE C 68 21.37 7.20 -7.77
C PHE C 68 22.01 5.85 -7.53
N PRO C 69 22.60 5.26 -8.58
CA PRO C 69 23.23 3.94 -8.40
C PRO C 69 24.48 4.03 -7.54
N ASP C 70 24.85 2.92 -6.91
CA ASP C 70 25.99 2.89 -6.01
C ASP C 70 27.31 3.11 -6.76
N THR C 71 27.28 2.87 -8.07
CA THR C 71 28.45 3.10 -8.92
C THR C 71 28.74 4.60 -9.09
N ASP C 72 27.83 5.43 -8.62
CA ASP C 72 27.94 6.88 -8.76
C ASP C 72 28.45 7.55 -7.48
N PRO C 73 29.71 7.99 -7.49
CA PRO C 73 30.35 8.63 -6.34
C PRO C 73 29.63 9.89 -5.86
N ARG C 74 28.96 10.62 -6.75
CA ARG C 74 28.25 11.85 -6.38
C ARG C 74 27.33 11.66 -5.19
N PHE C 75 26.66 10.52 -5.14
CA PHE C 75 25.62 10.28 -4.16
C PHE C 75 26.02 9.25 -3.12
N LYS C 76 27.27 8.82 -3.19
CA LYS C 76 27.82 7.91 -2.17
C LYS C 76 27.77 8.59 -0.81
N GLY C 77 27.15 7.90 0.15
CA GLY C 77 27.03 8.44 1.50
C GLY C 77 26.09 9.61 1.65
N ALA C 78 25.27 9.89 0.63
CA ALA C 78 24.43 11.08 0.66
C ALA C 78 23.33 11.01 1.72
N ASP C 79 23.20 12.10 2.45
CA ASP C 79 22.08 12.37 3.34
C ASP C 79 20.74 12.12 2.60
N SER C 80 19.80 11.41 3.24
CA SER C 80 18.58 11.05 2.53
C SER C 80 17.67 12.25 2.27
N ARG C 81 17.81 13.33 3.03
CA ARG C 81 17.07 14.57 2.71
C ARG C 81 17.57 15.18 1.39
N ALA C 82 18.89 15.15 1.20
CA ALA C 82 19.45 15.63 -0.05
C ALA C 82 19.01 14.74 -1.21
N LEU C 83 18.93 13.44 -0.98
CA LEU C 83 18.42 12.55 -2.04
C LEU C 83 16.97 12.85 -2.37
N LEU C 84 16.15 13.06 -1.34
CA LEU C 84 14.73 13.36 -1.56
C LEU C 84 14.60 14.67 -2.36
N ARG C 85 15.40 15.69 -2.02
CA ARG C 85 15.31 16.95 -2.76
C ARG C 85 15.69 16.76 -4.24
N HIS C 86 16.67 15.92 -4.49
CA HIS C 86 17.03 15.60 -5.87
C HIS C 86 15.89 14.86 -6.61
N VAL C 87 15.22 13.95 -5.90
CA VAL C 87 14.06 13.27 -6.47
C VAL C 87 12.96 14.28 -6.80
N VAL C 88 12.70 15.23 -5.89
CA VAL C 88 11.67 16.23 -6.15
C VAL C 88 12.02 17.04 -7.42
N ALA C 89 13.31 17.36 -7.60
CA ALA C 89 13.73 18.11 -8.78
C ALA C 89 13.55 17.32 -10.07
N ILE C 90 13.88 16.03 -10.08
CA ILE C 90 13.72 15.17 -11.25
CA ILE C 90 13.72 15.37 -11.37
C ILE C 90 12.25 15.06 -11.66
N VAL C 91 11.40 14.88 -10.65
CA VAL C 91 9.98 14.74 -10.86
C VAL C 91 9.40 16.08 -11.36
N ALA C 92 9.92 17.18 -10.85
CA ALA C 92 9.46 18.51 -11.32
C ALA C 92 9.84 18.75 -12.78
N GLU C 93 11.03 18.30 -13.18
CA GLU C 93 11.51 18.45 -14.56
C GLU C 93 10.58 17.71 -15.52
N LYS C 94 10.04 16.59 -15.05
CA LYS C 94 9.11 15.78 -15.84
C LYS C 94 7.69 16.38 -15.84
N GLY C 95 7.45 17.39 -15.01
CA GLY C 95 6.21 18.14 -15.08
C GLY C 95 5.27 17.97 -13.90
N TRP C 96 5.77 17.40 -12.80
CA TRP C 96 4.92 17.05 -11.67
C TRP C 96 5.36 17.71 -10.38
N LYS C 97 4.39 18.17 -9.57
CA LYS C 97 4.67 18.62 -8.21
C LYS C 97 3.86 17.79 -7.21
N VAL C 98 4.20 17.89 -5.94
CA VAL C 98 3.50 17.12 -4.93
C VAL C 98 2.14 17.73 -4.61
N GLY C 99 1.08 16.92 -4.70
CA GLY C 99 -0.21 17.28 -4.13
C GLY C 99 -0.25 16.98 -2.65
N ASN C 100 -0.12 15.71 -2.28
CA ASN C 100 0.04 15.38 -0.85
C ASN C 100 0.74 14.04 -0.72
N VAL C 101 1.30 13.80 0.47
CA VAL C 101 1.88 12.50 0.78
C VAL C 101 1.36 12.02 2.13
N ASP C 102 1.32 10.70 2.28
CA ASP C 102 0.90 10.05 3.53
C ASP C 102 1.81 8.85 3.72
N ALA C 103 2.30 8.64 4.93
CA ALA C 103 3.25 7.55 5.16
C ALA C 103 2.96 6.89 6.48
N THR C 104 3.34 5.61 6.60
CA THR C 104 3.14 4.85 7.82
C THR C 104 4.45 4.18 8.18
N ILE C 105 4.97 4.52 9.37
CA ILE C 105 6.13 3.87 9.94
C ILE C 105 5.65 2.62 10.65
N VAL C 106 6.14 1.45 10.24
CA VAL C 106 5.75 0.18 10.88
C VAL C 106 6.90 -0.29 11.74
N ALA C 107 6.75 -0.13 13.05
CA ALA C 107 7.85 -0.36 13.96
C ALA C 107 7.32 -0.71 15.34
N GLN C 108 7.92 -1.70 16.00
CA GLN C 108 7.46 -2.10 17.31
C GLN C 108 8.05 -1.16 18.35
N ALA C 109 9.22 -0.62 18.03
CA ALA C 109 9.99 0.25 18.90
C ALA C 109 11.05 0.92 18.01
N PRO C 110 11.55 2.10 18.41
CA PRO C 110 11.09 2.94 19.51
C PRO C 110 9.76 3.62 19.17
N LYS C 111 9.22 4.38 20.13
CA LYS C 111 7.98 5.13 19.89
C LYS C 111 8.27 6.28 18.93
N MET C 112 7.41 6.47 17.93
CA MET C 112 7.60 7.52 16.94
C MET C 112 6.87 8.81 17.28
N ALA C 113 5.84 8.72 18.10
CA ALA C 113 4.93 9.85 18.36
C ALA C 113 5.60 11.20 18.66
N PRO C 114 6.62 11.24 19.55
CA PRO C 114 7.18 12.56 19.90
C PRO C 114 7.92 13.22 18.76
N HIS C 115 8.17 12.48 17.68
CA HIS C 115 9.01 12.95 16.59
C HIS C 115 8.23 13.32 15.34
N ILE C 116 6.95 12.94 15.31
CA ILE C 116 6.13 13.03 14.09
C ILE C 116 6.07 14.47 13.55
N GLU C 117 5.78 15.42 14.41
CA GLU C 117 5.58 16.78 13.91
C GLU C 117 6.89 17.35 13.36
N THR C 118 8.01 17.03 14.00
CA THR C 118 9.30 17.47 13.47
C THR C 118 9.56 16.86 12.09
N MET C 119 9.29 15.57 11.91
CA MET C 119 9.41 14.92 10.60
C MET C 119 8.56 15.64 9.55
N ARG C 120 7.31 15.94 9.91
CA ARG C 120 6.42 16.56 8.93
C ARG C 120 7.00 17.88 8.42
N GLY C 121 7.59 18.66 9.33
CA GLY C 121 8.15 19.94 8.95
C GLY C 121 9.32 19.80 8.00
N LEU C 122 10.21 18.85 8.28
CA LEU C 122 11.37 18.65 7.41
C LEU C 122 10.95 18.09 6.05
N ILE C 123 10.04 17.09 6.04
CA ILE C 123 9.55 16.51 4.80
C ILE C 123 8.90 17.60 3.96
N ALA C 124 8.07 18.44 4.58
CA ALA C 124 7.38 19.50 3.82
C ALA C 124 8.38 20.46 3.16
N GLU C 125 9.44 20.82 3.90
CA GLU C 125 10.49 21.68 3.35
C GLU C 125 11.16 21.00 2.14
N ASP C 126 11.48 19.72 2.29
CA ASP C 126 12.16 19.02 1.21
C ASP C 126 11.29 18.81 -0.04
N LEU C 127 9.99 18.67 0.18
CA LEU C 127 9.04 18.48 -0.90
C LEU C 127 8.57 19.79 -1.53
N GLY C 128 8.87 20.92 -0.89
CA GLY C 128 8.38 22.20 -1.39
C GLY C 128 6.89 22.47 -1.20
N VAL C 129 6.32 21.90 -0.14
CA VAL C 129 4.91 22.05 0.12
C VAL C 129 4.67 22.57 1.54
N ALA C 130 3.41 22.91 1.80
CA ALA C 130 2.97 23.26 3.15
C ALA C 130 2.91 22.01 4.03
N VAL C 131 3.09 22.18 5.33
CA VAL C 131 3.01 21.06 6.26
C VAL C 131 1.66 20.34 6.14
N ASP C 132 0.58 21.06 5.85
CA ASP C 132 -0.73 20.43 5.72
CA ASP C 132 -0.70 20.35 5.80
C ASP C 132 -0.87 19.49 4.53
N GLN C 133 0.16 19.43 3.68
CA GLN C 133 0.18 18.46 2.56
C GLN C 133 0.98 17.19 2.88
N VAL C 134 1.43 17.07 4.13
CA VAL C 134 2.29 15.95 4.57
C VAL C 134 1.67 15.28 5.81
N ASN C 135 1.46 13.96 5.73
CA ASN C 135 1.03 13.22 6.91
C ASN C 135 2.00 12.09 7.18
N VAL C 136 2.38 11.92 8.44
CA VAL C 136 3.17 10.77 8.88
C VAL C 136 2.45 10.13 10.06
N LYS C 137 2.31 8.82 10.02
CA LYS C 137 1.76 8.11 11.17
C LYS C 137 2.59 6.88 11.42
N ALA C 138 2.28 6.20 12.52
CA ALA C 138 3.03 5.03 12.89
C ALA C 138 2.11 3.97 13.40
N THR C 139 2.55 2.72 13.28
CA THR C 139 1.78 1.64 13.85
C THR C 139 2.70 0.48 14.22
N THR C 140 2.29 -0.31 15.21
CA THR C 140 2.97 -1.56 15.47
C THR C 140 2.20 -2.68 14.77
N THR C 141 2.81 -3.85 14.71
CA THR C 141 2.08 -5.04 14.28
C THR C 141 1.80 -5.97 15.48
N GLU C 142 1.71 -5.40 16.68
CA GLU C 142 1.33 -6.13 17.89
C GLU C 142 2.22 -7.36 18.11
N ARG C 143 3.52 -7.14 17.90
CA ARG C 143 4.60 -8.13 18.10
C ARG C 143 4.57 -9.29 17.09
N LEU C 144 3.86 -9.10 15.97
CA LEU C 144 3.83 -10.10 14.89
C LEU C 144 4.76 -9.73 13.74
N GLY C 145 5.29 -10.74 13.06
CA GLY C 145 6.11 -10.49 11.88
C GLY C 145 7.48 -9.92 12.23
N PHE C 146 8.25 -9.59 11.18
CA PHE C 146 9.61 -9.15 11.43
C PHE C 146 9.66 -7.81 12.13
N THR C 147 8.67 -6.94 11.92
CA THR C 147 8.71 -5.70 12.69
C THR C 147 8.32 -5.98 14.14
N GLY C 148 7.36 -6.89 14.35
CA GLY C 148 6.91 -7.20 15.68
C GLY C 148 7.98 -7.87 16.52
N ARG C 149 8.86 -8.65 15.88
CA ARG C 149 9.98 -9.31 16.56
C ARG C 149 11.18 -8.36 16.70
N GLU C 150 11.00 -7.08 16.34
CA GLU C 150 12.07 -6.07 16.41
C GLU C 150 13.31 -6.44 15.60
N GLU C 151 13.09 -6.98 14.41
CA GLU C 151 14.18 -7.34 13.52
C GLU C 151 14.49 -6.20 12.55
N GLY C 152 13.51 -5.36 12.28
CA GLY C 152 13.70 -4.23 11.39
C GLY C 152 12.49 -3.31 11.40
N ILE C 153 12.55 -2.27 10.56
CA ILE C 153 11.48 -1.28 10.43
C ILE C 153 11.08 -1.20 8.97
N ALA C 154 9.77 -1.07 8.73
CA ALA C 154 9.25 -0.92 7.37
C ALA C 154 8.49 0.40 7.27
N VAL C 155 8.42 0.96 6.06
CA VAL C 155 7.57 2.13 5.82
C VAL C 155 6.76 1.92 4.53
N HIS C 156 5.46 2.21 4.59
CA HIS C 156 4.62 2.39 3.41
C HIS C 156 4.37 3.87 3.17
N ALA C 157 4.56 4.37 1.94
CA ALA C 157 4.28 5.77 1.65
C ALA C 157 3.47 5.83 0.38
N VAL C 158 2.49 6.71 0.34
CA VAL C 158 1.80 7.02 -0.92
C VAL C 158 1.92 8.51 -1.26
N ALA C 159 1.90 8.81 -2.56
CA ALA C 159 1.99 10.17 -3.05
C ALA C 159 0.99 10.40 -4.16
N LEU C 160 0.40 11.59 -4.16
CA LEU C 160 -0.41 12.06 -5.26
C LEU C 160 0.30 13.27 -5.88
N LEU C 161 0.65 13.15 -7.16
CA LEU C 161 1.30 14.25 -7.86
C LEU C 161 0.29 15.00 -8.70
N MET C 162 0.53 16.29 -8.90
CA MET C 162 -0.28 17.13 -9.76
C MET C 162 0.55 17.75 -10.85
N ALA C 163 -0.05 18.00 -11.99
CA ALA C 163 0.68 18.64 -13.09
C ALA C 163 1.12 20.04 -12.68
N ARG C 164 2.35 20.39 -13.01
CA ARG C 164 2.86 21.74 -12.79
C ARG C 164 2.36 22.75 -13.82
MG MG D . -6.40 -1.03 15.19
O3P C5P E . -7.35 -17.66 -1.26
P C5P E . -6.94 -16.45 -2.06
O1P C5P E . -6.03 -15.49 -1.30
O2P C5P E . -6.44 -16.76 -3.46
O5' C5P E . -8.31 -15.67 -2.25
C5' C5P E . -9.23 -16.07 -3.26
C4' C5P E . -10.63 -15.59 -2.97
O4' C5P E . -10.99 -15.92 -1.61
C3' C5P E . -10.82 -14.08 -3.14
O3' C5P E . -11.90 -13.79 -4.03
C2' C5P E . -11.17 -13.58 -1.73
O2' C5P E . -12.13 -12.55 -1.70
C1' C5P E . -11.64 -14.83 -1.00
N1 C5P E . -11.26 -14.80 0.42
C2 C5P E . -12.21 -14.77 1.47
N3 C5P E . -11.83 -14.73 2.76
C4 C5P E . -10.51 -14.71 3.08
C5 C5P E . -9.56 -14.73 2.06
C6 C5P E . -9.95 -14.77 0.74
O2 C5P E . -13.43 -14.81 1.23
N4 C5P E . -10.15 -14.67 4.39
C1 MPD F . -19.44 6.10 22.61
C2 MPD F . -18.00 6.02 23.04
O2 MPD F . -17.52 4.65 22.88
CM MPD F . -17.92 6.28 24.55
C3 MPD F . -17.26 7.01 22.15
C4 MPD F . -17.65 7.05 20.66
O4 MPD F . -18.88 7.67 20.32
C5 MPD F . -16.65 7.89 19.87
MG MG G . -2.55 -14.44 -7.22
O3P C5P H . 18.36 -4.33 -2.66
P C5P H . 17.20 -3.36 -2.64
O1P C5P H . 15.92 -4.01 -2.19
O2P C5P H . 17.54 -2.03 -1.99
O5' C5P H . 16.94 -3.02 -4.16
C5' C5P H . 17.88 -2.26 -4.92
C4' C5P H . 17.73 -2.60 -6.37
O4' C5P H . 17.79 -4.03 -6.54
C3' C5P H . 16.40 -2.21 -7.00
O3' C5P H . 16.35 -0.85 -7.37
C2' C5P H . 16.27 -3.18 -8.17
O2' C5P H . 16.97 -2.68 -9.30
C1' C5P H . 17.03 -4.41 -7.66
N1 C5P H . 16.21 -5.60 -7.29
C2 C5P H . 16.04 -6.60 -8.25
N3 C5P H . 15.36 -7.73 -7.94
C4 C5P H . 14.90 -7.92 -6.69
C5 C5P H . 15.09 -6.95 -5.72
C6 C5P H . 15.78 -5.79 -6.02
O2 C5P H . 16.49 -6.40 -9.41
N4 C5P H . 14.23 -9.08 -6.40
P PO4 I . 7.15 -13.84 9.20
O1 PO4 I . 6.82 -12.92 8.03
O2 PO4 I . 8.63 -13.67 9.39
O3 PO4 I . 6.47 -13.57 10.42
O4 PO4 I . 6.79 -15.23 8.77
P PO4 J . 2.97 -5.64 4.08
O1 PO4 J . 3.49 -5.57 2.66
O2 PO4 J . 3.65 -6.84 4.74
O3 PO4 J . 3.41 -4.44 4.88
O4 PO4 J . 1.48 -5.91 4.14
P PO4 K . -11.78 5.70 -24.25
O1 PO4 K . -10.99 6.80 -24.91
O2 PO4 K . -10.83 4.74 -23.57
O3 PO4 K . -12.72 6.29 -23.23
O4 PO4 K . -12.58 4.95 -25.29
P PO4 L . 9.52 -17.69 12.44
O1 PO4 L . 8.65 -16.83 11.52
O2 PO4 L . 10.94 -17.76 11.89
O3 PO4 L . 9.54 -17.08 13.83
O4 PO4 L . 8.97 -19.09 12.53
MG MG M . 16.05 2.31 2.10
O3P C5P N . -0.62 0.38 19.13
P C5P N . -0.74 0.80 17.69
O1P C5P N . 0.25 0.09 16.80
O2P C5P N . -2.16 0.80 17.17
O5' C5P N . -0.35 2.34 17.68
C5' C5P N . -1.06 3.27 18.50
C4' C5P N . -0.46 4.65 18.44
O4' C5P N . 0.98 4.57 18.70
C3' C5P N . -0.63 5.40 17.11
O3' C5P N . -1.07 6.74 17.32
C2' C5P N . 0.77 5.37 16.50
O2' C5P N . 1.06 6.48 15.66
C1' C5P N . 1.68 5.32 17.73
N1 C5P N . 2.96 4.61 17.48
C2 C5P N . 4.19 5.22 17.76
N3 C5P N . 5.36 4.56 17.55
C4 C5P N . 5.36 3.32 17.08
C5 C5P N . 4.14 2.69 16.80
C6 C5P N . 2.94 3.35 17.03
O2 C5P N . 4.22 6.38 18.20
N4 C5P N . 6.54 2.69 16.87
#